data_6OOV
#
_entry.id   6OOV
#
_cell.length_a   45.729
_cell.length_b   139.828
_cell.length_c   66.613
_cell.angle_alpha   90.000
_cell.angle_beta   99.990
_cell.angle_gamma   90.000
#
_symmetry.space_group_name_H-M   'P 1 21 1'
#
loop_
_entity.id
_entity.type
_entity.pdbx_description
1 polymer 'Embryonic stem cell-specific 5-hydroxymethylcytosine-binding protein'
2 polymer "DNA (5'-D(*CP*AP*AP*CP*GP*TP*TP*GP*TP*TP*TP*TP*T)-3')"
3 non-polymer 'UNKNOWN ATOM OR ION'
4 water water
#
loop_
_entity_poly.entity_id
_entity_poly.type
_entity_poly.pdbx_seq_one_letter_code
_entity_poly.pdbx_strand_id
1 'polypeptide(L)'
;CGRTSCHLPRDVLTRACAYQDRRGQQRLPEWRDPDKYCPSYNKSPQSNSPVLLSRLHFEKDADSSERIIAPMRWGLVPSW
FKESDPSKLQFNTTNCRSDTVMEKRSFKVPLGKGRRCVVLADGFYEWQRCQGTNQRQPYFIYFPQIKTEKSGSIGAADSP
ENWEKVWDNWRLLTMAGIFDCWEPPEGGDVLYSYTIITVDSCKGLSDIHHRMPAILDGEEAVSKWLDFGEVSTQEALKLI
HPTENITFHAVSSVVNNSRNNTPECLAPVAENLYFQ
;
A,B
2 'polydeoxyribonucleotide' (DC)(DA)(DA)(DC)(DG)(DT)(DT)(DG)(DT)(DT)(DT)(DT)(DT) C,D
#
loop_
_chem_comp.id
_chem_comp.type
_chem_comp.name
_chem_comp.formula
DA DNA linking 2'-DEOXYADENOSINE-5'-MONOPHOSPHATE 'C10 H14 N5 O6 P'
DC DNA linking 2'-DEOXYCYTIDINE-5'-MONOPHOSPHATE 'C9 H14 N3 O7 P'
DG DNA linking 2'-DEOXYGUANOSINE-5'-MONOPHOSPHATE 'C10 H14 N5 O7 P'
DT DNA linking THYMIDINE-5'-MONOPHOSPHATE 'C10 H15 N2 O8 P'
UNX non-polymer 'UNKNOWN ATOM OR ION' ?
#
# COMPACT_ATOMS: atom_id res chain seq x y z
N CYS A 1 -19.87 3.14 8.78
CA CYS A 1 -19.91 1.72 8.26
C CYS A 1 -18.66 0.96 8.74
N GLY A 2 -18.49 -0.30 8.33
CA GLY A 2 -17.41 -1.19 8.79
C GLY A 2 -16.54 -1.71 7.66
N ARG A 3 -16.86 -1.37 6.42
CA ARG A 3 -16.09 -1.84 5.23
C ARG A 3 -16.30 -0.85 4.08
N THR A 4 -15.24 -0.52 3.33
CA THR A 4 -15.36 0.30 2.11
C THR A 4 -14.59 -0.35 0.97
N SER A 5 -14.78 0.20 -0.23
CA SER A 5 -13.89 -0.02 -1.40
C SER A 5 -13.18 1.29 -1.68
N CYS A 6 -11.89 1.24 -1.98
CA CYS A 6 -11.09 2.40 -2.47
C CYS A 6 -9.93 1.87 -3.29
N HIS A 7 -10.20 1.51 -4.53
CA HIS A 7 -9.31 0.67 -5.36
C HIS A 7 -8.61 1.48 -6.47
N LEU A 8 -9.00 2.74 -6.70
CA LEU A 8 -8.48 3.48 -7.88
C LEU A 8 -7.00 3.78 -7.68
N PRO A 9 -6.18 3.70 -8.75
CA PRO A 9 -4.79 4.14 -8.67
C PRO A 9 -4.70 5.62 -8.26
N ARG A 10 -3.63 5.95 -7.54
CA ARG A 10 -3.28 7.30 -7.00
C ARG A 10 -3.58 8.39 -8.06
N ASP A 11 -3.15 8.24 -9.31
CA ASP A 11 -3.25 9.31 -10.34
C ASP A 11 -4.73 9.56 -10.64
N VAL A 12 -5.53 8.50 -10.73
CA VAL A 12 -6.98 8.57 -11.13
C VAL A 12 -7.76 9.15 -9.95
N LEU A 13 -7.47 8.71 -8.75
CA LEU A 13 -8.13 9.17 -7.52
C LEU A 13 -7.92 10.68 -7.38
N THR A 14 -6.70 11.15 -7.61
CA THR A 14 -6.35 12.59 -7.48
C THR A 14 -7.18 13.42 -8.48
N ARG A 15 -7.34 12.97 -9.73
CA ARG A 15 -8.14 13.70 -10.75
C ARG A 15 -9.61 13.70 -10.34
N ALA A 16 -10.11 12.60 -9.74
CA ALA A 16 -11.51 12.48 -9.27
C ALA A 16 -11.76 13.42 -8.08
N CYS A 17 -10.71 14.07 -7.54
CA CYS A 17 -10.81 14.99 -6.39
C CYS A 17 -10.62 16.47 -6.81
N ALA A 18 -10.70 16.79 -8.10
CA ALA A 18 -10.70 18.18 -8.61
C ALA A 18 -11.69 19.04 -7.80
N TYR A 19 -11.31 20.22 -7.34
CA TYR A 19 -12.18 21.12 -6.56
C TYR A 19 -11.86 22.57 -6.88
N GLN A 20 -12.73 23.48 -6.46
CA GLN A 20 -12.54 24.93 -6.62
C GLN A 20 -12.04 25.47 -5.29
N ASP A 21 -10.96 26.27 -5.29
CA ASP A 21 -10.52 26.95 -4.05
C ASP A 21 -11.46 28.17 -3.80
N ARG A 22 -11.18 28.96 -2.77
CA ARG A 22 -12.05 30.07 -2.31
C ARG A 22 -12.09 31.21 -3.35
N ARG A 23 -11.21 31.24 -4.36
CA ARG A 23 -11.25 32.23 -5.46
C ARG A 23 -11.92 31.64 -6.70
N GLY A 24 -12.52 30.45 -6.60
CA GLY A 24 -13.13 29.76 -7.76
C GLY A 24 -12.11 29.18 -8.73
N GLN A 25 -10.84 28.98 -8.33
CA GLN A 25 -9.80 28.39 -9.22
C GLN A 25 -9.81 26.88 -9.04
N GLN A 26 -9.93 26.14 -10.14
CA GLN A 26 -9.94 24.66 -10.16
C GLN A 26 -8.53 24.13 -9.84
N ARG A 27 -8.47 23.18 -8.91
CA ARG A 27 -7.22 22.58 -8.38
C ARG A 27 -7.39 21.08 -8.16
N LEU A 28 -6.27 20.36 -8.11
CA LEU A 28 -6.17 19.01 -7.52
C LEU A 28 -5.61 19.15 -6.13
N PRO A 29 -6.00 18.27 -5.19
CA PRO A 29 -5.42 18.30 -3.85
C PRO A 29 -3.96 17.83 -3.93
N GLU A 30 -3.15 18.28 -2.97
CA GLU A 30 -1.72 17.87 -2.86
C GLU A 30 -1.60 16.69 -1.89
N TRP A 31 -0.85 15.67 -2.29
CA TRP A 31 -0.62 14.45 -1.47
C TRP A 31 0.33 14.72 -0.31
N ARG A 32 0.07 14.09 0.83
CA ARG A 32 1.11 13.76 1.83
C ARG A 32 1.19 12.23 1.95
N ASP A 33 2.40 11.68 2.05
CA ASP A 33 2.61 10.24 2.33
C ASP A 33 1.88 9.39 1.31
N PRO A 34 1.99 9.71 0.01
CA PRO A 34 1.29 8.94 -1.01
C PRO A 34 1.62 7.45 -0.99
N ASP A 35 2.84 7.09 -0.61
CA ASP A 35 3.31 5.67 -0.59
C ASP A 35 2.54 4.84 0.44
N LYS A 36 1.78 5.46 1.35
CA LYS A 36 0.96 4.71 2.32
C LYS A 36 -0.43 4.45 1.75
N TYR A 37 -0.71 4.89 0.54
CA TYR A 37 -1.99 4.58 -0.13
C TYR A 37 -1.83 3.22 -0.80
N CYS A 38 -2.60 2.24 -0.34
CA CYS A 38 -2.62 0.89 -0.92
C CYS A 38 -4.04 0.62 -1.42
N PRO A 39 -4.28 0.73 -2.73
CA PRO A 39 -5.61 0.57 -3.31
C PRO A 39 -6.19 -0.80 -2.94
N SER A 40 -7.46 -0.88 -2.57
CA SER A 40 -8.18 -2.16 -2.38
C SER A 40 -9.68 -1.97 -2.62
N TYR A 41 -10.30 -3.02 -3.17
CA TYR A 41 -11.78 -3.20 -3.24
C TYR A 41 -12.36 -3.54 -1.87
N ASN A 42 -11.53 -3.83 -0.85
CA ASN A 42 -12.00 -4.40 0.44
C ASN A 42 -11.18 -3.87 1.62
N LYS A 43 -11.56 -2.69 2.13
CA LYS A 43 -10.84 -1.95 3.21
C LYS A 43 -11.55 -2.16 4.53
N SER A 44 -10.81 -2.59 5.55
CA SER A 44 -11.33 -2.84 6.92
C SER A 44 -10.69 -1.81 7.83
N PRO A 45 -11.25 -1.61 9.05
CA PRO A 45 -10.61 -0.77 10.06
C PRO A 45 -9.16 -1.24 10.26
N GLN A 46 -8.30 -0.32 10.67
CA GLN A 46 -6.85 -0.49 10.95
C GLN A 46 -6.07 -0.40 9.64
N SER A 47 -6.70 -0.48 8.48
CA SER A 47 -6.06 -0.19 7.18
C SER A 47 -6.08 1.33 6.95
N ASN A 48 -5.28 1.82 6.00
CA ASN A 48 -5.14 3.25 5.63
C ASN A 48 -6.06 3.53 4.45
N SER A 49 -6.80 4.64 4.49
CA SER A 49 -7.62 5.17 3.36
C SER A 49 -7.23 6.63 3.13
N PRO A 50 -7.31 7.11 1.89
CA PRO A 50 -7.05 8.54 1.62
C PRO A 50 -8.20 9.40 2.16
N VAL A 51 -7.86 10.48 2.85
CA VAL A 51 -8.82 11.51 3.34
C VAL A 51 -8.35 12.89 2.85
N LEU A 52 -9.32 13.78 2.66
CA LEU A 52 -9.06 15.21 2.40
C LEU A 52 -9.00 15.95 3.75
N LEU A 53 -8.08 16.89 3.90
CA LEU A 53 -8.12 17.81 5.05
C LEU A 53 -7.50 19.16 4.64
N SER A 54 -7.80 20.21 5.40
CA SER A 54 -7.33 21.58 5.12
C SER A 54 -5.81 21.61 5.22
N ARG A 55 -5.17 22.29 4.28
CA ARG A 55 -3.71 22.55 4.28
C ARG A 55 -3.31 23.30 5.56
N LEU A 56 -4.25 24.00 6.20
CA LEU A 56 -3.98 24.82 7.40
C LEU A 56 -3.58 23.89 8.57
N HIS A 57 -3.90 22.60 8.51
CA HIS A 57 -3.46 21.62 9.55
C HIS A 57 -1.93 21.44 9.49
N PHE A 58 -1.29 21.80 8.38
CA PHE A 58 0.14 21.51 8.13
C PHE A 58 0.99 22.79 8.02
N GLU A 59 0.43 23.91 7.55
CA GLU A 59 1.14 25.18 7.34
C GLU A 59 0.36 26.33 7.99
N LYS A 60 1.00 27.08 8.90
CA LYS A 60 0.37 28.11 9.77
C LYS A 60 -0.24 29.24 8.92
N ASP A 61 0.36 29.59 7.78
CA ASP A 61 -0.06 30.78 6.99
C ASP A 61 -0.79 30.34 5.72
N ALA A 62 -1.42 29.17 5.70
CA ALA A 62 -2.05 28.59 4.48
C ALA A 62 -3.50 29.09 4.32
N ASP A 63 -3.96 29.12 3.07
CA ASP A 63 -5.37 29.29 2.66
C ASP A 63 -6.10 28.01 3.08
N SER A 64 -6.98 28.11 4.08
CA SER A 64 -7.64 26.97 4.72
C SER A 64 -8.59 26.27 3.73
N SER A 65 -8.87 26.88 2.58
CA SER A 65 -9.68 26.28 1.47
C SER A 65 -8.83 25.32 0.61
N GLU A 66 -7.50 25.38 0.72
CA GLU A 66 -6.59 24.46 -0.04
C GLU A 66 -6.63 23.09 0.63
N ARG A 67 -6.65 22.03 -0.19
CA ARG A 67 -6.88 20.65 0.28
C ARG A 67 -5.59 19.81 0.18
N ILE A 68 -5.32 19.04 1.23
CA ILE A 68 -4.34 17.93 1.23
C ILE A 68 -5.12 16.62 1.10
N ILE A 69 -4.60 15.69 0.31
CA ILE A 69 -5.04 14.26 0.33
C ILE A 69 -3.92 13.45 0.98
N ALA A 70 -4.25 12.67 2.01
CA ALA A 70 -3.30 11.92 2.85
C ALA A 70 -3.94 10.61 3.30
N PRO A 71 -3.22 9.47 3.18
CA PRO A 71 -3.65 8.22 3.80
C PRO A 71 -3.68 8.41 5.33
N MET A 72 -4.75 7.94 5.96
CA MET A 72 -4.86 7.91 7.44
C MET A 72 -5.39 6.55 7.88
N ARG A 73 -5.07 6.16 9.10
CA ARG A 73 -5.48 4.85 9.68
C ARG A 73 -6.95 4.94 10.10
N TRP A 74 -7.78 4.02 9.62
CA TRP A 74 -9.20 3.92 10.03
C TRP A 74 -9.29 3.32 11.42
N GLY A 75 -9.80 4.08 12.39
CA GLY A 75 -9.90 3.71 13.81
C GLY A 75 -9.19 4.78 14.63
N LEU A 76 -9.93 5.80 15.05
CA LEU A 76 -9.33 6.96 15.70
C LEU A 76 -8.59 6.48 16.95
N VAL A 77 -7.29 6.76 17.00
CA VAL A 77 -6.43 6.52 18.21
C VAL A 77 -6.31 7.85 18.94
N PRO A 78 -6.99 8.00 20.09
CA PRO A 78 -6.97 9.26 20.83
C PRO A 78 -5.56 9.70 21.21
N SER A 79 -5.35 11.01 21.27
CA SER A 79 -4.04 11.60 21.58
C SER A 79 -3.61 11.16 22.98
N TRP A 80 -4.56 10.79 23.86
CA TRP A 80 -4.26 10.46 25.29
C TRP A 80 -3.84 9.00 25.44
N PHE A 81 -4.00 8.17 24.41
CA PHE A 81 -3.76 6.71 24.46
C PHE A 81 -2.35 6.46 25.02
N LYS A 82 -2.24 5.68 26.09
CA LYS A 82 -1.04 5.60 26.96
C LYS A 82 -0.18 4.39 26.55
N GLU A 83 -0.75 3.36 25.90
CA GLU A 83 -0.06 2.08 25.57
C GLU A 83 0.76 2.26 24.28
N SER A 84 1.65 1.32 23.96
CA SER A 84 2.63 1.45 22.87
C SER A 84 2.12 0.82 21.58
N ASP A 85 1.01 0.07 21.61
CA ASP A 85 0.44 -0.60 20.39
C ASP A 85 -0.98 -0.10 20.16
N PRO A 86 -1.19 0.73 19.10
CA PRO A 86 -2.46 1.40 18.91
C PRO A 86 -3.63 0.41 18.75
N SER A 87 -3.35 -0.82 18.32
CA SER A 87 -4.41 -1.83 18.07
C SER A 87 -4.89 -2.44 19.40
N LYS A 88 -4.28 -2.09 20.54
CA LYS A 88 -4.72 -2.49 21.89
C LYS A 88 -5.87 -1.62 22.43
N LEU A 89 -6.24 -0.57 21.72
CA LEU A 89 -7.30 0.39 22.17
C LEU A 89 -8.57 -0.41 22.51
N GLN A 90 -9.12 -0.22 23.71
CA GLN A 90 -10.26 -1.01 24.24
C GLN A 90 -11.61 -0.42 23.79
N PHE A 91 -11.61 0.69 23.06
CA PHE A 91 -12.83 1.37 22.58
C PHE A 91 -12.86 1.24 21.06
N ASN A 92 -14.05 1.01 20.50
CA ASN A 92 -14.24 0.94 19.04
C ASN A 92 -14.52 2.36 18.52
N THR A 93 -13.59 2.88 17.72
CA THR A 93 -13.62 4.26 17.15
C THR A 93 -13.66 4.19 15.64
N THR A 94 -14.07 3.05 15.09
CA THR A 94 -14.35 2.88 13.64
C THR A 94 -15.39 3.95 13.24
N ASN A 95 -16.35 4.18 14.12
CA ASN A 95 -17.51 5.08 13.89
C ASN A 95 -17.64 6.04 15.09
N CYS A 96 -18.35 7.13 14.85
CA CYS A 96 -18.67 8.24 15.79
C CYS A 96 -20.13 8.66 15.56
N ARG A 97 -21.03 8.36 16.50
CA ARG A 97 -22.46 8.73 16.38
C ARG A 97 -22.60 10.25 16.27
N SER A 98 -23.30 10.71 15.25
CA SER A 98 -23.63 12.16 15.08
C SER A 98 -24.36 12.68 16.31
N ASP A 99 -25.31 11.90 16.86
CA ASP A 99 -26.26 12.42 17.89
C ASP A 99 -25.50 12.73 19.20
N THR A 100 -24.36 12.08 19.49
CA THR A 100 -23.69 12.23 20.83
C THR A 100 -22.31 12.85 20.67
N VAL A 101 -21.92 13.24 19.46
CA VAL A 101 -20.51 13.60 19.16
C VAL A 101 -19.99 14.64 20.16
N MET A 102 -20.80 15.59 20.61
CA MET A 102 -20.36 16.69 21.51
C MET A 102 -20.29 16.22 22.98
N GLU A 103 -20.80 15.02 23.29
CA GLU A 103 -20.74 14.39 24.64
C GLU A 103 -19.53 13.44 24.77
N LYS A 104 -19.03 12.88 23.65
CA LYS A 104 -17.95 11.84 23.64
C LYS A 104 -16.58 12.51 23.61
N ARG A 105 -15.83 12.47 24.70
CA ARG A 105 -14.56 13.25 24.81
C ARG A 105 -13.52 12.74 23.80
N SER A 106 -13.56 11.49 23.31
CA SER A 106 -12.56 10.97 22.34
C SER A 106 -12.77 11.63 20.96
N PHE A 107 -13.97 12.17 20.69
CA PHE A 107 -14.30 12.77 19.37
C PHE A 107 -14.42 14.29 19.49
N LYS A 108 -15.02 14.79 20.58
CA LYS A 108 -15.26 16.23 20.86
C LYS A 108 -13.93 17.00 20.92
N VAL A 109 -12.89 16.47 21.57
CA VAL A 109 -11.60 17.21 21.73
C VAL A 109 -10.96 17.44 20.35
N PRO A 110 -10.70 16.41 19.51
CA PRO A 110 -10.14 16.63 18.19
C PRO A 110 -11.06 17.48 17.29
N LEU A 111 -12.37 17.24 17.35
CA LEU A 111 -13.37 18.04 16.61
C LEU A 111 -13.18 19.52 16.95
N GLY A 112 -12.99 19.83 18.23
CA GLY A 112 -12.78 21.20 18.72
C GLY A 112 -11.46 21.79 18.27
N LYS A 113 -10.49 20.98 17.84
CA LYS A 113 -9.21 21.49 17.29
C LYS A 113 -9.32 21.65 15.76
N GLY A 114 -10.49 21.36 15.20
CA GLY A 114 -10.80 21.54 13.76
C GLY A 114 -10.39 20.35 12.93
N ARG A 115 -10.18 19.20 13.60
CA ARG A 115 -9.63 17.99 12.93
C ARG A 115 -10.79 17.27 12.26
N ARG A 116 -11.38 17.96 11.28
CA ARG A 116 -12.44 17.43 10.40
C ARG A 116 -11.77 17.02 9.08
N CYS A 117 -12.13 15.85 8.56
CA CYS A 117 -11.57 15.33 7.31
C CYS A 117 -12.67 14.67 6.53
N VAL A 118 -12.44 14.47 5.23
CA VAL A 118 -13.44 13.83 4.33
C VAL A 118 -12.84 12.51 3.89
N VAL A 119 -13.48 11.42 4.28
CA VAL A 119 -12.97 10.05 4.01
C VAL A 119 -13.41 9.67 2.60
N LEU A 120 -12.50 9.30 1.72
CA LEU A 120 -12.85 8.92 0.33
C LEU A 120 -13.07 7.41 0.23
N ALA A 121 -13.98 7.04 -0.66
CA ALA A 121 -14.24 5.63 -1.02
C ALA A 121 -14.93 5.57 -2.38
N ASP A 122 -14.79 4.45 -3.08
CA ASP A 122 -15.69 4.10 -4.21
C ASP A 122 -17.13 4.08 -3.68
N GLY A 123 -17.27 3.60 -2.46
CA GLY A 123 -18.56 3.28 -1.82
C GLY A 123 -18.31 2.43 -0.60
N PHE A 124 -19.35 2.06 0.13
CA PHE A 124 -19.21 1.28 1.38
C PHE A 124 -20.05 0.02 1.22
N TYR A 125 -19.74 -0.99 2.00
CA TYR A 125 -20.52 -2.25 2.10
C TYR A 125 -21.32 -2.19 3.41
N GLU A 126 -22.54 -2.70 3.38
CA GLU A 126 -23.35 -2.91 4.60
C GLU A 126 -24.06 -4.25 4.46
N TRP A 127 -24.31 -4.91 5.59
CA TRP A 127 -24.86 -6.29 5.65
C TRP A 127 -26.29 -6.20 6.20
N GLN A 128 -27.24 -6.83 5.52
CA GLN A 128 -28.69 -6.84 5.84
C GLN A 128 -28.97 -8.09 6.66
N ARG A 129 -29.57 -7.92 7.85
CA ARG A 129 -30.13 -9.03 8.68
C ARG A 129 -31.40 -9.53 7.97
N CYS A 130 -31.37 -10.73 7.34
CA CYS A 130 -32.59 -11.37 6.75
C CYS A 130 -33.28 -12.33 7.75
N GLN A 131 -34.46 -11.96 8.25
CA GLN A 131 -35.25 -12.71 9.29
C GLN A 131 -35.39 -14.23 8.91
N GLY A 132 -35.10 -15.05 10.01
CA GLY A 132 -35.22 -16.52 9.93
C GLY A 132 -33.89 -17.19 9.67
N THR A 133 -32.81 -16.42 9.48
CA THR A 133 -31.43 -16.95 9.35
C THR A 133 -30.46 -15.93 9.97
N ASN A 134 -29.27 -16.39 10.35
CA ASN A 134 -28.17 -15.50 10.84
C ASN A 134 -27.27 -15.11 9.67
N GLN A 135 -27.38 -15.75 8.50
CA GLN A 135 -26.70 -15.37 7.23
C GLN A 135 -27.18 -13.98 6.79
N ARG A 136 -26.29 -12.99 6.79
CA ARG A 136 -26.57 -11.60 6.36
C ARG A 136 -26.20 -11.43 4.88
N GLN A 137 -26.93 -10.56 4.16
CA GLN A 137 -26.73 -10.27 2.71
C GLN A 137 -25.90 -8.98 2.55
N PRO A 138 -24.73 -9.01 1.88
CA PRO A 138 -23.96 -7.78 1.65
C PRO A 138 -24.40 -6.93 0.45
N TYR A 139 -24.35 -5.61 0.62
CA TYR A 139 -24.65 -4.60 -0.42
C TYR A 139 -23.45 -3.66 -0.58
N PHE A 140 -23.13 -3.30 -1.83
CA PHE A 140 -22.25 -2.15 -2.16
C PHE A 140 -23.16 -0.91 -2.35
N ILE A 141 -22.83 0.17 -1.64
CA ILE A 141 -23.65 1.40 -1.54
C ILE A 141 -22.78 2.60 -1.95
N TYR A 142 -23.26 3.41 -2.89
CA TYR A 142 -22.46 4.46 -3.58
C TYR A 142 -23.39 5.61 -4.00
N PHE A 143 -22.81 6.77 -4.33
CA PHE A 143 -23.52 7.90 -5.02
C PHE A 143 -24.07 7.37 -6.34
N PRO A 144 -25.25 7.85 -6.79
CA PRO A 144 -25.70 7.58 -8.16
C PRO A 144 -24.67 8.12 -9.16
N GLN A 145 -24.44 7.37 -10.24
CA GLN A 145 -23.40 7.71 -11.25
C GLN A 145 -24.11 8.12 -12.54
N ILE A 146 -23.35 8.49 -13.57
N LYS A 165 -15.98 -0.28 -17.14
CA LYS A 165 -17.40 0.10 -17.42
C LYS A 165 -17.63 1.58 -17.01
N VAL A 166 -17.70 1.89 -15.71
CA VAL A 166 -18.15 3.21 -15.18
C VAL A 166 -17.03 3.90 -14.36
N TRP A 167 -15.83 3.31 -14.30
CA TRP A 167 -14.66 3.76 -13.47
C TRP A 167 -13.90 4.89 -14.20
N ASP A 168 -14.25 5.15 -15.46
CA ASP A 168 -13.78 6.32 -16.26
C ASP A 168 -14.03 7.59 -15.43
N ASN A 169 -15.31 7.95 -15.22
CA ASN A 169 -15.73 9.20 -14.52
C ASN A 169 -16.61 8.82 -13.32
N TRP A 170 -16.09 7.99 -12.40
CA TRP A 170 -16.78 7.52 -11.18
C TRP A 170 -16.79 8.64 -10.13
N ARG A 171 -17.93 8.87 -9.49
CA ARG A 171 -18.07 9.88 -8.42
C ARG A 171 -17.75 9.23 -7.06
N LEU A 172 -16.60 9.57 -6.50
CA LEU A 172 -16.15 9.12 -5.16
C LEU A 172 -17.19 9.50 -4.12
N LEU A 173 -17.44 8.60 -3.19
CA LEU A 173 -18.20 8.88 -1.96
C LEU A 173 -17.32 9.66 -1.01
N THR A 174 -17.88 10.68 -0.36
CA THR A 174 -17.21 11.67 0.50
C THR A 174 -17.92 11.64 1.85
N MET A 175 -17.34 10.91 2.82
CA MET A 175 -17.94 10.68 4.16
C MET A 175 -17.29 11.65 5.14
N ALA A 176 -18.06 12.19 6.07
CA ALA A 176 -17.57 13.10 7.12
C ALA A 176 -16.82 12.31 8.18
N GLY A 177 -15.60 12.71 8.47
CA GLY A 177 -14.73 12.05 9.45
C GLY A 177 -14.17 13.04 10.44
N ILE A 178 -13.74 12.55 11.59
CA ILE A 178 -12.91 13.30 12.55
C ILE A 178 -11.57 12.54 12.64
N PHE A 179 -10.44 13.24 12.74
CA PHE A 179 -9.13 12.58 12.91
C PHE A 179 -8.47 13.07 14.20
N ASP A 180 -7.50 12.29 14.69
CA ASP A 180 -6.63 12.72 15.82
C ASP A 180 -5.18 12.35 15.49
N CYS A 181 -4.27 12.92 16.28
CA CYS A 181 -2.81 12.76 16.22
C CYS A 181 -2.32 12.15 17.52
N TRP A 182 -1.66 11.00 17.42
CA TRP A 182 -1.14 10.23 18.57
C TRP A 182 0.36 10.05 18.37
N GLU A 183 1.18 10.49 19.32
CA GLU A 183 2.64 10.24 19.35
C GLU A 183 2.86 8.90 20.04
N PRO A 184 3.42 7.88 19.36
CA PRO A 184 3.84 6.67 20.06
C PRO A 184 4.72 7.05 21.24
N PRO A 185 4.36 6.64 22.48
CA PRO A 185 5.14 6.96 23.67
C PRO A 185 6.64 6.60 23.59
N GLU A 186 6.96 5.53 22.86
CA GLU A 186 8.35 4.98 22.78
C GLU A 186 9.02 5.49 21.50
N GLY A 187 8.36 6.42 20.79
CA GLY A 187 8.96 7.11 19.64
C GLY A 187 8.45 6.56 18.32
N GLY A 188 8.50 7.38 17.26
CA GLY A 188 7.92 7.11 15.94
C GLY A 188 7.17 8.31 15.37
N ASP A 189 6.73 8.18 14.13
CA ASP A 189 5.95 9.21 13.43
C ASP A 189 4.63 9.40 14.19
N VAL A 190 4.18 10.64 14.27
CA VAL A 190 2.80 10.97 14.67
C VAL A 190 1.86 10.14 13.81
N LEU A 191 0.96 9.39 14.44
CA LEU A 191 -0.12 8.64 13.77
C LEU A 191 -1.31 9.56 13.54
N TYR A 192 -1.77 9.66 12.30
CA TYR A 192 -3.05 10.31 11.94
C TYR A 192 -4.07 9.18 11.72
N SER A 193 -5.17 9.20 12.46
CA SER A 193 -6.23 8.17 12.38
C SER A 193 -7.60 8.86 12.38
N TYR A 194 -8.59 8.21 11.77
CA TYR A 194 -9.93 8.80 11.58
C TYR A 194 -11.02 7.84 12.07
N THR A 195 -12.17 8.44 12.36
CA THR A 195 -13.49 7.78 12.55
C THR A 195 -14.42 8.36 11.49
N ILE A 196 -15.33 7.55 10.94
CA ILE A 196 -16.44 8.00 10.07
C ILE A 196 -17.69 8.27 10.93
N ILE A 197 -18.23 9.48 10.83
CA ILE A 197 -19.43 9.87 11.61
C ILE A 197 -20.58 9.05 11.02
N THR A 198 -21.47 8.51 11.86
CA THR A 198 -22.68 7.76 11.43
C THR A 198 -23.94 8.52 11.85
N VAL A 199 -25.01 8.28 11.10
CA VAL A 199 -26.36 8.86 11.30
C VAL A 199 -27.37 7.75 11.06
N ASP A 200 -28.66 8.02 11.30
CA ASP A 200 -29.74 7.07 10.97
C ASP A 200 -29.70 6.78 9.46
N SER A 201 -30.01 5.56 9.06
CA SER A 201 -30.18 5.22 7.62
C SER A 201 -31.39 6.01 7.09
N CYS A 202 -31.24 6.56 5.89
CA CYS A 202 -32.33 7.17 5.09
C CYS A 202 -33.38 6.10 4.77
N LYS A 203 -34.54 6.51 4.26
CA LYS A 203 -35.67 5.57 3.94
C LYS A 203 -35.16 4.59 2.87
N GLY A 204 -34.45 5.08 1.86
CA GLY A 204 -33.89 4.26 0.77
C GLY A 204 -33.10 3.05 1.28
N LEU A 205 -32.47 3.14 2.46
CA LEU A 205 -31.55 2.09 2.98
C LEU A 205 -32.10 1.43 4.24
N SER A 206 -33.25 1.86 4.76
CA SER A 206 -33.76 1.50 6.12
C SER A 206 -34.03 0.00 6.23
N ASP A 207 -34.27 -0.69 5.10
CA ASP A 207 -34.52 -2.15 5.06
C ASP A 207 -33.20 -2.91 5.10
N ILE A 208 -32.09 -2.27 4.71
CA ILE A 208 -30.73 -2.88 4.69
C ILE A 208 -30.13 -2.78 6.10
N HIS A 209 -30.21 -1.61 6.74
CA HIS A 209 -29.51 -1.31 8.02
C HIS A 209 -30.18 -0.10 8.68
N HIS A 210 -29.92 0.09 9.98
CA HIS A 210 -30.49 1.19 10.81
C HIS A 210 -29.55 2.41 10.82
N ARG A 211 -28.32 2.23 10.37
CA ARG A 211 -27.26 3.29 10.35
C ARG A 211 -26.72 3.44 8.93
N MET A 212 -26.17 4.61 8.63
CA MET A 212 -25.44 4.92 7.39
C MET A 212 -24.38 5.96 7.75
N PRO A 213 -23.27 6.05 6.98
CA PRO A 213 -22.28 7.11 7.20
C PRO A 213 -22.89 8.49 6.94
N ALA A 214 -22.36 9.51 7.62
CA ALA A 214 -22.57 10.94 7.33
C ALA A 214 -21.92 11.26 5.99
N ILE A 215 -22.71 11.24 4.91
CA ILE A 215 -22.25 11.56 3.53
C ILE A 215 -22.38 13.07 3.29
N LEU A 216 -21.29 13.70 2.84
CA LEU A 216 -21.23 15.11 2.40
C LEU A 216 -21.47 15.14 0.89
N ASP A 217 -22.69 15.51 0.49
CA ASP A 217 -23.18 15.48 -0.91
C ASP A 217 -22.87 16.82 -1.60
N GLY A 218 -21.72 16.89 -2.26
CA GLY A 218 -21.36 17.96 -3.20
C GLY A 218 -20.26 18.87 -2.68
N GLU A 219 -19.76 19.72 -3.55
CA GLU A 219 -18.52 20.51 -3.30
C GLU A 219 -18.75 21.42 -2.08
N GLU A 220 -19.93 22.01 -1.90
CA GLU A 220 -20.17 22.97 -0.80
C GLU A 220 -20.09 22.28 0.57
N ALA A 221 -20.79 21.17 0.75
CA ALA A 221 -20.75 20.33 1.97
C ALA A 221 -19.30 19.88 2.26
N VAL A 222 -18.59 19.40 1.25
CA VAL A 222 -17.18 18.95 1.40
C VAL A 222 -16.33 20.14 1.85
N SER A 223 -16.42 21.28 1.17
CA SER A 223 -15.57 22.47 1.42
C SER A 223 -15.77 22.94 2.86
N LYS A 224 -17.04 22.96 3.30
CA LYS A 224 -17.42 23.52 4.62
C LYS A 224 -16.97 22.54 5.71
N TRP A 225 -17.16 21.25 5.51
CA TRP A 225 -16.62 20.27 6.47
C TRP A 225 -15.10 20.47 6.60
N LEU A 226 -14.35 20.69 5.51
CA LEU A 226 -12.86 20.76 5.57
C LEU A 226 -12.41 22.07 6.23
N ASP A 227 -13.12 23.18 6.00
CA ASP A 227 -12.55 24.52 6.24
C ASP A 227 -12.74 24.92 7.70
N PHE A 228 -11.93 24.36 8.60
CA PHE A 228 -12.08 24.61 10.05
C PHE A 228 -11.64 26.05 10.38
N GLY A 229 -10.97 26.72 9.45
CA GLY A 229 -10.56 28.13 9.62
C GLY A 229 -11.75 29.07 9.55
N GLU A 230 -12.74 28.74 8.71
CA GLU A 230 -13.84 29.67 8.32
C GLU A 230 -15.18 29.12 8.81
N VAL A 231 -15.29 27.82 9.06
CA VAL A 231 -16.58 27.15 9.43
C VAL A 231 -16.43 26.49 10.81
N SER A 232 -17.08 27.07 11.81
CA SER A 232 -17.05 26.66 13.25
C SER A 232 -17.62 25.24 13.39
N THR A 233 -17.38 24.61 14.53
CA THR A 233 -17.95 23.28 14.87
C THR A 233 -19.47 23.29 14.72
N GLN A 234 -20.18 24.26 15.33
CA GLN A 234 -21.67 24.37 15.29
C GLN A 234 -22.12 24.34 13.82
N GLU A 235 -21.53 25.19 12.97
CA GLU A 235 -21.94 25.30 11.55
C GLU A 235 -21.60 24.00 10.82
N ALA A 236 -20.45 23.39 11.12
CA ALA A 236 -20.02 22.17 10.43
C ALA A 236 -20.98 21.02 10.77
N LEU A 237 -21.41 20.93 12.03
CA LEU A 237 -22.30 19.82 12.49
C LEU A 237 -23.67 19.90 11.80
N LYS A 238 -24.08 21.05 11.26
CA LYS A 238 -25.35 21.16 10.48
C LYS A 238 -25.26 20.37 9.17
N LEU A 239 -24.05 20.04 8.70
CA LEU A 239 -23.82 19.28 7.44
C LEU A 239 -24.05 17.78 7.62
N ILE A 240 -24.16 17.33 8.88
CA ILE A 240 -24.14 15.89 9.27
C ILE A 240 -25.59 15.42 9.38
N HIS A 241 -26.07 14.62 8.42
CA HIS A 241 -27.46 14.12 8.46
C HIS A 241 -27.59 12.96 7.49
N PRO A 242 -28.66 12.13 7.61
CA PRO A 242 -29.01 11.16 6.58
C PRO A 242 -29.17 11.88 5.23
N THR A 243 -28.96 11.17 4.13
CA THR A 243 -29.17 11.66 2.74
C THR A 243 -29.80 10.52 1.94
N GLU A 244 -30.71 10.88 1.04
CA GLU A 244 -31.45 9.93 0.16
C GLU A 244 -30.69 9.79 -1.17
N ASN A 245 -29.74 10.68 -1.44
CA ASN A 245 -28.98 10.68 -2.73
C ASN A 245 -27.93 9.56 -2.65
N ILE A 246 -28.40 8.32 -2.83
CA ILE A 246 -27.62 7.08 -2.65
C ILE A 246 -28.29 5.94 -3.41
N THR A 247 -27.51 5.02 -3.96
CA THR A 247 -28.00 3.79 -4.62
C THR A 247 -27.13 2.61 -4.16
N PHE A 248 -27.50 1.39 -4.55
CA PHE A 248 -26.82 0.17 -4.08
C PHE A 248 -27.19 -0.98 -4.99
N HIS A 249 -26.41 -2.05 -4.93
CA HIS A 249 -26.76 -3.38 -5.47
C HIS A 249 -26.20 -4.43 -4.51
N ALA A 250 -26.88 -5.57 -4.42
CA ALA A 250 -26.39 -6.76 -3.70
C ALA A 250 -25.10 -7.23 -4.38
N VAL A 251 -24.15 -7.73 -3.58
CA VAL A 251 -22.90 -8.37 -4.08
C VAL A 251 -22.82 -9.77 -3.48
N SER A 252 -21.95 -10.61 -4.04
CA SER A 252 -21.65 -12.00 -3.62
C SER A 252 -20.97 -12.00 -2.24
N SER A 253 -20.82 -13.18 -1.65
CA SER A 253 -20.22 -13.42 -0.31
C SER A 253 -18.71 -13.15 -0.34
N VAL A 254 -18.10 -12.98 -1.52
CA VAL A 254 -16.62 -12.84 -1.70
C VAL A 254 -16.10 -11.73 -0.79
N VAL A 255 -16.84 -10.64 -0.64
CA VAL A 255 -16.39 -9.46 0.17
C VAL A 255 -16.36 -9.81 1.67
N ASN A 256 -17.12 -10.81 2.13
CA ASN A 256 -17.28 -11.15 3.58
C ASN A 256 -15.89 -11.39 4.20
N ASN A 257 -15.07 -12.20 3.53
CA ASN A 257 -13.64 -12.42 3.92
C ASN A 257 -12.84 -11.15 3.59
N SER A 258 -12.33 -10.47 4.61
CA SER A 258 -11.61 -9.17 4.49
C SER A 258 -10.25 -9.36 3.83
N ARG A 259 -9.81 -10.59 3.58
CA ARG A 259 -8.53 -10.87 2.89
C ARG A 259 -8.73 -10.79 1.38
N ASN A 260 -9.98 -10.87 0.89
CA ASN A 260 -10.31 -10.85 -0.56
C ASN A 260 -10.29 -9.42 -1.08
N ASN A 261 -9.42 -9.14 -2.06
CA ASN A 261 -9.28 -7.84 -2.75
C ASN A 261 -9.37 -8.10 -4.25
N THR A 262 -10.58 -8.19 -4.81
CA THR A 262 -10.83 -8.46 -6.25
C THR A 262 -11.95 -7.56 -6.73
N PRO A 263 -12.06 -7.27 -8.05
CA PRO A 263 -13.20 -6.52 -8.57
C PRO A 263 -14.55 -7.21 -8.26
N GLU A 264 -14.49 -8.51 -7.97
CA GLU A 264 -15.66 -9.39 -7.67
C GLU A 264 -16.33 -8.96 -6.37
N CYS A 265 -15.62 -8.27 -5.47
CA CYS A 265 -16.16 -7.81 -4.16
C CYS A 265 -17.33 -6.83 -4.36
N LEU A 266 -17.28 -5.94 -5.35
CA LEU A 266 -18.36 -4.93 -5.55
C LEU A 266 -19.13 -5.21 -6.84
N ALA A 267 -18.86 -6.32 -7.54
CA ALA A 267 -19.58 -6.71 -8.79
C ALA A 267 -21.04 -7.01 -8.46
N PRO A 268 -22.02 -6.53 -9.27
CA PRO A 268 -23.44 -6.87 -9.06
C PRO A 268 -23.75 -8.36 -9.28
N VAL A 269 -24.83 -8.86 -8.67
CA VAL A 269 -25.30 -10.27 -8.81
C VAL A 269 -26.80 -10.27 -9.16
N CYS B 1 14.18 -9.50 -14.02
CA CYS B 1 12.80 -9.61 -14.58
C CYS B 1 12.07 -8.26 -14.53
N GLY B 2 10.84 -8.20 -15.04
CA GLY B 2 10.08 -6.94 -15.22
C GLY B 2 8.74 -6.93 -14.50
N ARG B 3 8.39 -8.03 -13.84
CA ARG B 3 7.11 -8.17 -13.11
C ARG B 3 7.27 -9.24 -12.03
N THR B 4 6.73 -9.02 -10.84
CA THR B 4 6.72 -10.04 -9.76
C THR B 4 5.32 -10.12 -9.16
N SER B 5 5.13 -11.13 -8.32
CA SER B 5 4.01 -11.21 -7.35
C SER B 5 4.60 -11.07 -5.96
N CYS B 6 3.95 -10.30 -5.08
CA CYS B 6 4.27 -10.25 -3.63
C CYS B 6 3.02 -9.84 -2.88
N HIS B 7 2.13 -10.82 -2.62
CA HIS B 7 0.71 -10.58 -2.25
C HIS B 7 0.46 -10.86 -0.78
N LEU B 8 1.39 -11.50 -0.07
CA LEU B 8 1.10 -12.01 1.29
C LEU B 8 0.90 -10.84 2.23
N PRO B 9 -0.02 -10.93 3.20
CA PRO B 9 -0.18 -9.88 4.19
C PRO B 9 1.11 -9.74 5.01
N ARG B 10 1.36 -8.54 5.52
CA ARG B 10 2.57 -8.14 6.28
C ARG B 10 2.92 -9.21 7.34
N ASP B 11 1.97 -9.65 8.16
CA ASP B 11 2.24 -10.58 9.30
C ASP B 11 2.72 -11.93 8.72
N VAL B 12 2.13 -12.40 7.63
CA VAL B 12 2.41 -13.74 7.04
C VAL B 12 3.78 -13.70 6.35
N LEU B 13 4.05 -12.64 5.60
CA LEU B 13 5.34 -12.40 4.93
C LEU B 13 6.46 -12.42 5.98
N THR B 14 6.26 -11.72 7.09
CA THR B 14 7.29 -11.58 8.15
C THR B 14 7.64 -12.99 8.70
N ARG B 15 6.65 -13.85 8.95
CA ARG B 15 6.88 -15.22 9.49
C ARG B 15 7.61 -16.06 8.43
N ALA B 16 7.29 -15.88 7.14
CA ALA B 16 7.94 -16.61 6.04
C ALA B 16 9.39 -16.16 5.87
N CYS B 17 9.84 -15.13 6.60
CA CYS B 17 11.23 -14.60 6.56
C CYS B 17 12.01 -14.95 7.84
N ALA B 18 11.53 -15.88 8.66
CA ALA B 18 12.28 -16.45 9.82
C ALA B 18 13.68 -16.85 9.38
N TYR B 19 14.70 -16.47 10.14
CA TYR B 19 16.11 -16.77 9.79
C TYR B 19 16.89 -16.97 11.08
N GLN B 20 18.08 -17.53 10.94
CA GLN B 20 19.02 -17.72 12.07
C GLN B 20 20.04 -16.59 12.04
N ASP B 21 20.26 -15.92 13.16
CA ASP B 21 21.34 -14.90 13.25
C ASP B 21 22.70 -15.63 13.37
N ARG B 22 23.79 -14.89 13.58
CA ARG B 22 25.16 -15.44 13.54
C ARG B 22 25.41 -16.30 14.79
N ARG B 23 24.56 -16.27 15.81
CA ARG B 23 24.66 -17.17 16.99
C ARG B 23 23.72 -18.37 16.84
N GLY B 24 23.11 -18.56 15.67
CA GLY B 24 22.14 -19.65 15.44
C GLY B 24 20.80 -19.43 16.12
N GLN B 25 20.46 -18.20 16.54
CA GLN B 25 19.17 -17.89 17.22
C GLN B 25 18.15 -17.52 16.14
N GLN B 26 16.98 -18.17 16.17
CA GLN B 26 15.94 -17.97 15.17
C GLN B 26 15.20 -16.65 15.46
N ARG B 27 15.02 -15.83 14.44
CA ARG B 27 14.49 -14.46 14.51
C ARG B 27 13.59 -14.14 13.30
N LEU B 28 12.72 -13.15 13.48
CA LEU B 28 12.00 -12.48 12.38
C LEU B 28 12.75 -11.18 12.08
N PRO B 29 12.76 -10.73 10.82
CA PRO B 29 13.35 -9.43 10.50
C PRO B 29 12.45 -8.32 11.10
N GLU B 30 13.06 -7.18 11.44
CA GLU B 30 12.38 -5.96 11.95
C GLU B 30 12.03 -5.07 10.75
N TRP B 31 10.80 -4.57 10.70
CA TRP B 31 10.30 -3.71 9.60
C TRP B 31 10.87 -2.30 9.75
N ARG B 32 11.11 -1.66 8.63
CA ARG B 32 11.07 -0.19 8.50
C ARG B 32 9.96 0.19 7.51
N ASP B 33 9.21 1.25 7.82
CA ASP B 33 8.19 1.82 6.90
C ASP B 33 7.21 0.74 6.49
N PRO B 34 6.69 -0.07 7.42
CA PRO B 34 5.75 -1.11 7.05
C PRO B 34 4.53 -0.58 6.28
N ASP B 35 4.09 0.65 6.56
CA ASP B 35 2.87 1.24 5.93
C ASP B 35 3.08 1.41 4.41
N LYS B 36 4.31 1.33 3.89
CA LYS B 36 4.57 1.46 2.44
C LYS B 36 4.54 0.09 1.78
N TYR B 37 4.26 -0.97 2.54
CA TYR B 37 4.05 -2.33 1.98
C TYR B 37 2.64 -2.40 1.43
N CYS B 38 2.54 -2.63 0.13
CA CYS B 38 1.25 -2.75 -0.55
C CYS B 38 1.20 -4.13 -1.21
N PRO B 39 0.55 -5.14 -0.59
CA PRO B 39 0.49 -6.48 -1.15
C PRO B 39 -0.12 -6.45 -2.54
N SER B 40 0.45 -7.17 -3.51
CA SER B 40 -0.14 -7.34 -4.85
C SER B 40 0.38 -8.62 -5.50
N TYR B 41 -0.49 -9.28 -6.26
CA TYR B 41 -0.14 -10.38 -7.20
C TYR B 41 0.58 -9.83 -8.44
N ASN B 42 0.66 -8.51 -8.64
CA ASN B 42 1.08 -7.93 -9.94
C ASN B 42 1.87 -6.63 -9.71
N LYS B 43 3.16 -6.75 -9.41
CA LYS B 43 4.07 -5.62 -9.08
C LYS B 43 4.89 -5.25 -10.31
N SER B 44 4.87 -3.97 -10.69
CA SER B 44 5.64 -3.40 -11.82
C SER B 44 6.74 -2.51 -11.26
N PRO B 45 7.77 -2.18 -12.06
CA PRO B 45 8.76 -1.18 -11.65
C PRO B 45 8.04 0.12 -11.24
N GLN B 46 8.67 0.87 -10.35
CA GLN B 46 8.20 2.17 -9.79
C GLN B 46 7.24 1.90 -8.62
N SER B 47 6.74 0.69 -8.44
CA SER B 47 6.05 0.28 -7.20
C SER B 47 7.10 -0.14 -6.15
N ASN B 48 6.67 -0.22 -4.89
CA ASN B 48 7.45 -0.61 -3.71
C ASN B 48 7.27 -2.10 -3.48
N SER B 49 8.36 -2.81 -3.23
CA SER B 49 8.40 -4.23 -2.83
C SER B 49 9.24 -4.32 -1.56
N PRO B 50 8.91 -5.26 -0.66
CA PRO B 50 9.74 -5.51 0.51
C PRO B 50 11.06 -6.18 0.13
N VAL B 51 12.15 -5.68 0.71
CA VAL B 51 13.51 -6.22 0.55
C VAL B 51 14.13 -6.42 1.93
N LEU B 52 15.02 -7.41 2.03
CA LEU B 52 15.84 -7.65 3.24
C LEU B 52 17.14 -6.85 3.10
N LEU B 53 17.63 -6.26 4.17
CA LEU B 53 18.98 -5.68 4.17
C LEU B 53 19.54 -5.73 5.59
N SER B 54 20.86 -5.59 5.73
CA SER B 54 21.54 -5.65 7.03
C SER B 54 21.13 -4.46 7.90
N ARG B 55 20.85 -4.72 9.18
CA ARG B 55 20.56 -3.67 10.19
C ARG B 55 21.74 -2.69 10.26
N LEU B 56 22.94 -3.10 9.84
CA LEU B 56 24.15 -2.24 9.96
C LEU B 56 24.01 -1.02 9.05
N HIS B 57 23.12 -1.06 8.05
CA HIS B 57 22.84 0.11 7.18
C HIS B 57 22.14 1.23 7.98
N PHE B 58 21.57 0.93 9.15
CA PHE B 58 20.74 1.89 9.92
C PHE B 58 21.32 2.20 11.30
N GLU B 59 22.05 1.25 11.91
CA GLU B 59 22.61 1.39 13.29
C GLU B 59 24.11 1.01 13.28
N LYS B 60 24.96 1.95 13.71
CA LYS B 60 26.44 1.90 13.56
C LYS B 60 27.01 0.71 14.36
N ASP B 61 26.43 0.38 15.51
CA ASP B 61 27.02 -0.62 16.44
C ASP B 61 26.28 -1.96 16.33
N ALA B 62 25.58 -2.23 15.22
CA ALA B 62 24.66 -3.38 15.08
C ALA B 62 25.41 -4.62 14.56
N ASP B 63 24.86 -5.78 14.91
CA ASP B 63 25.24 -7.11 14.36
C ASP B 63 24.77 -7.15 12.91
N SER B 64 25.71 -7.14 11.97
CA SER B 64 25.43 -7.04 10.52
C SER B 64 24.65 -8.28 10.03
N SER B 65 24.56 -9.34 10.82
CA SER B 65 23.76 -10.57 10.51
C SER B 65 22.26 -10.33 10.80
N GLU B 66 21.91 -9.31 11.58
CA GLU B 66 20.51 -8.95 11.88
C GLU B 66 19.89 -8.30 10.64
N ARG B 67 18.64 -8.67 10.34
CA ARG B 67 17.94 -8.30 9.09
C ARG B 67 16.82 -7.28 9.35
N ILE B 68 16.78 -6.27 8.49
CA ILE B 68 15.62 -5.34 8.34
C ILE B 68 14.84 -5.79 7.12
N ILE B 69 13.51 -5.75 7.20
CA ILE B 69 12.63 -5.83 6.01
C ILE B 69 12.04 -4.42 5.82
N ALA B 70 12.14 -3.90 4.61
CA ALA B 70 11.74 -2.51 4.26
C ALA B 70 11.20 -2.48 2.84
N PRO B 71 10.06 -1.82 2.59
CA PRO B 71 9.61 -1.56 1.23
C PRO B 71 10.59 -0.58 0.58
N MET B 72 10.96 -0.85 -0.66
CA MET B 72 11.87 0.01 -1.46
C MET B 72 11.28 0.15 -2.86
N ARG B 73 11.60 1.25 -3.52
CA ARG B 73 11.08 1.52 -4.89
C ARG B 73 11.88 0.69 -5.89
N TRP B 74 11.20 -0.07 -6.73
CA TRP B 74 11.81 -0.85 -7.83
C TRP B 74 12.22 0.09 -8.97
N GLY B 75 13.51 0.23 -9.23
CA GLY B 75 14.09 1.17 -10.20
C GLY B 75 15.13 2.03 -9.54
N LEU B 76 16.38 1.55 -9.51
CA LEU B 76 17.45 2.24 -8.73
C LEU B 76 17.57 3.68 -9.26
N VAL B 77 17.40 4.65 -8.38
CA VAL B 77 17.65 6.09 -8.61
C VAL B 77 19.02 6.40 -8.00
N PRO B 78 20.05 6.66 -8.84
CA PRO B 78 21.38 6.96 -8.33
C PRO B 78 21.41 8.17 -7.39
N SER B 79 22.28 8.13 -6.40
CA SER B 79 22.45 9.20 -5.37
C SER B 79 22.69 10.55 -6.04
N TRP B 80 23.28 10.56 -7.23
CA TRP B 80 23.76 11.79 -7.92
C TRP B 80 22.66 12.33 -8.87
N PHE B 81 21.55 11.61 -9.03
CA PHE B 81 20.44 12.02 -9.93
C PHE B 81 20.06 13.48 -9.62
N LYS B 82 20.08 14.34 -10.63
CA LYS B 82 20.04 15.81 -10.46
C LYS B 82 18.60 16.36 -10.57
N GLU B 83 17.68 15.62 -11.21
CA GLU B 83 16.29 16.09 -11.48
C GLU B 83 15.40 15.86 -10.25
N SER B 84 14.20 16.44 -10.22
CA SER B 84 13.34 16.47 -9.01
C SER B 84 12.30 15.34 -9.05
N ASP B 85 12.21 14.59 -10.16
CA ASP B 85 11.19 13.52 -10.32
C ASP B 85 11.88 12.20 -10.60
N PRO B 86 11.89 11.25 -9.64
CA PRO B 86 12.61 9.99 -9.84
C PRO B 86 12.14 9.21 -11.06
N SER B 87 10.90 9.41 -11.49
CA SER B 87 10.30 8.67 -12.64
C SER B 87 10.77 9.27 -13.97
N LYS B 88 11.48 10.40 -13.94
CA LYS B 88 12.01 11.11 -15.14
C LYS B 88 13.43 10.62 -15.43
N LEU B 89 13.95 9.64 -14.68
CA LEU B 89 15.25 8.96 -14.94
C LEU B 89 15.30 8.54 -16.42
N GLN B 90 16.34 8.96 -17.15
CA GLN B 90 16.43 8.82 -18.62
C GLN B 90 16.96 7.43 -19.06
N PHE B 91 17.26 6.54 -18.13
CA PHE B 91 17.75 5.19 -18.47
C PHE B 91 17.13 4.21 -17.48
N ASN B 92 17.17 2.93 -17.82
CA ASN B 92 16.40 1.85 -17.17
C ASN B 92 17.31 1.13 -16.15
N THR B 93 16.93 1.13 -14.87
CA THR B 93 17.67 0.51 -13.75
C THR B 93 16.74 -0.50 -13.06
N THR B 94 15.71 -0.98 -13.76
CA THR B 94 14.85 -2.10 -13.33
C THR B 94 15.77 -3.29 -13.00
N ASN B 95 16.77 -3.48 -13.85
CA ASN B 95 17.70 -4.63 -13.82
C ASN B 95 19.12 -4.10 -13.88
N CYS B 96 20.06 -4.96 -13.48
CA CYS B 96 21.53 -4.74 -13.41
C CYS B 96 22.22 -6.04 -13.88
N ARG B 97 22.85 -6.01 -15.05
CA ARG B 97 23.54 -7.22 -15.60
C ARG B 97 24.64 -7.63 -14.63
N SER B 98 24.67 -8.90 -14.24
CA SER B 98 25.76 -9.47 -13.39
C SER B 98 27.11 -9.25 -14.08
N ASP B 99 27.20 -9.44 -15.40
CA ASP B 99 28.50 -9.48 -16.11
C ASP B 99 29.20 -8.11 -16.08
N THR B 100 28.48 -6.98 -15.95
CA THR B 100 29.11 -5.62 -16.03
C THR B 100 28.94 -4.86 -14.71
N VAL B 101 28.41 -5.49 -13.66
CA VAL B 101 27.90 -4.77 -12.45
C VAL B 101 29.00 -3.88 -11.90
N MET B 102 30.27 -4.28 -11.91
CA MET B 102 31.35 -3.49 -11.24
C MET B 102 31.89 -2.41 -12.17
N GLU B 103 31.46 -2.38 -13.43
CA GLU B 103 31.87 -1.39 -14.46
C GLU B 103 30.88 -0.21 -14.56
N LYS B 104 29.59 -0.44 -14.33
CA LYS B 104 28.48 0.57 -14.49
C LYS B 104 28.38 1.50 -13.28
N ARG B 105 28.52 2.81 -13.46
CA ARG B 105 28.62 3.71 -12.28
C ARG B 105 27.29 3.77 -11.49
N SER B 106 26.14 3.48 -12.08
CA SER B 106 24.84 3.51 -11.35
C SER B 106 24.82 2.42 -10.28
N PHE B 107 25.54 1.32 -10.51
CA PHE B 107 25.45 0.08 -9.70
C PHE B 107 26.71 -0.13 -8.87
N LYS B 108 27.88 0.22 -9.42
CA LYS B 108 29.22 -0.12 -8.82
C LYS B 108 29.41 0.68 -7.53
N VAL B 109 28.99 1.96 -7.53
CA VAL B 109 29.18 2.83 -6.33
C VAL B 109 28.36 2.29 -5.16
N PRO B 110 27.02 2.10 -5.27
CA PRO B 110 26.25 1.55 -4.16
C PRO B 110 26.70 0.14 -3.75
N LEU B 111 27.04 -0.71 -4.73
CA LEU B 111 27.57 -2.06 -4.46
C LEU B 111 28.80 -1.94 -3.56
N GLY B 112 29.69 -1.00 -3.88
CA GLY B 112 30.91 -0.73 -3.11
C GLY B 112 30.63 -0.14 -1.74
N LYS B 113 29.46 0.42 -1.50
CA LYS B 113 29.09 0.89 -0.13
C LYS B 113 28.44 -0.26 0.66
N GLY B 114 28.25 -1.44 0.06
CA GLY B 114 27.67 -2.62 0.73
C GLY B 114 26.16 -2.61 0.64
N ARG B 115 25.60 -1.83 -0.29
CA ARG B 115 24.13 -1.66 -0.42
C ARG B 115 23.61 -2.84 -1.23
N ARG B 116 23.74 -4.03 -0.63
CA ARG B 116 23.21 -5.29 -1.18
C ARG B 116 21.92 -5.60 -0.42
N CYS B 117 20.88 -5.98 -1.14
CA CYS B 117 19.56 -6.28 -0.54
C CYS B 117 19.03 -7.53 -1.22
N VAL B 118 18.09 -8.19 -0.57
CA VAL B 118 17.42 -9.39 -1.12
C VAL B 118 15.97 -8.99 -1.41
N VAL B 119 15.60 -9.02 -2.68
CA VAL B 119 14.25 -8.62 -3.13
C VAL B 119 13.33 -9.81 -2.92
N LEU B 120 12.23 -9.64 -2.20
CA LEU B 120 11.27 -10.74 -1.93
C LEU B 120 10.18 -10.75 -2.98
N ALA B 121 9.70 -11.94 -3.31
CA ALA B 121 8.56 -12.14 -4.21
C ALA B 121 7.99 -13.54 -3.98
N ASP B 122 6.71 -13.73 -4.26
CA ASP B 122 6.10 -15.08 -4.38
C ASP B 122 6.82 -15.79 -5.51
N GLY B 123 7.21 -15.01 -6.51
CA GLY B 123 7.80 -15.48 -7.78
C GLY B 123 7.79 -14.36 -8.78
N PHE B 124 8.29 -14.60 -9.98
CA PHE B 124 8.38 -13.55 -11.02
C PHE B 124 7.63 -14.06 -12.24
N TYR B 125 7.19 -13.14 -13.08
CA TYR B 125 6.56 -13.43 -14.39
C TYR B 125 7.60 -13.17 -15.47
N GLU B 126 7.61 -13.99 -16.52
CA GLU B 126 8.43 -13.72 -17.72
C GLU B 126 7.59 -14.12 -18.93
N TRP B 127 7.82 -13.44 -20.04
CA TRP B 127 7.02 -13.58 -21.29
C TRP B 127 7.88 -14.26 -22.34
N GLN B 128 7.34 -15.32 -22.95
CA GLN B 128 7.98 -16.07 -24.06
C GLN B 128 7.50 -15.45 -25.38
N ARG B 129 8.43 -15.05 -26.25
CA ARG B 129 8.13 -14.55 -27.62
C ARG B 129 7.67 -15.75 -28.47
N CYS B 130 6.36 -15.88 -28.74
CA CYS B 130 5.75 -17.03 -29.47
C CYS B 130 6.19 -17.02 -30.94
N GLY B 132 6.38 -16.49 -35.39
CA GLY B 132 4.93 -16.51 -35.64
C GLY B 132 4.31 -15.13 -35.49
N THR B 133 3.27 -15.01 -34.66
CA THR B 133 2.63 -13.73 -34.24
C THR B 133 3.50 -13.08 -33.15
N ASN B 134 3.17 -11.85 -32.74
CA ASN B 134 3.94 -11.09 -31.72
C ASN B 134 3.30 -11.28 -30.33
N GLN B 135 2.16 -11.99 -30.22
CA GLN B 135 1.46 -12.28 -28.93
C GLN B 135 2.34 -13.20 -28.07
N ARG B 136 2.83 -12.70 -26.92
CA ARG B 136 3.79 -13.40 -26.02
C ARG B 136 3.00 -14.15 -24.94
N GLN B 137 3.53 -15.30 -24.47
CA GLN B 137 2.89 -16.19 -23.45
C GLN B 137 3.54 -15.92 -22.08
N PRO B 138 2.74 -15.54 -21.06
CA PRO B 138 3.29 -15.33 -19.72
C PRO B 138 3.41 -16.59 -18.84
N TYR B 139 4.48 -16.64 -18.04
CA TYR B 139 4.78 -17.73 -17.07
C TYR B 139 5.00 -17.14 -15.68
N PHE B 140 4.47 -17.79 -14.64
CA PHE B 140 4.83 -17.55 -13.23
C PHE B 140 5.94 -18.54 -12.86
N ILE B 141 7.03 -18.02 -12.30
CA ILE B 141 8.30 -18.76 -12.04
C ILE B 141 8.66 -18.57 -10.57
N TYR B 142 8.89 -19.67 -9.86
CA TYR B 142 9.02 -19.72 -8.38
C TYR B 142 9.96 -20.86 -7.98
N PHE B 143 10.45 -20.86 -6.74
CA PHE B 143 11.13 -22.03 -6.10
C PHE B 143 10.17 -23.21 -6.09
N PRO B 144 10.66 -24.46 -6.25
CA PRO B 144 9.82 -25.64 -6.01
C PRO B 144 9.35 -25.61 -4.55
N GLN B 145 8.11 -26.03 -4.31
CA GLN B 145 7.46 -25.96 -2.96
C GLN B 145 7.42 -27.39 -2.38
N ILE B 146 8.60 -27.89 -1.95
CA ILE B 146 8.87 -29.27 -1.45
C ILE B 146 8.37 -29.40 -0.01
N LYS B 165 -3.30 -23.19 2.67
CA LYS B 165 -3.03 -24.32 1.73
C LYS B 165 -1.59 -24.17 1.22
N VAL B 166 -1.37 -24.04 -0.09
CA VAL B 166 0.00 -23.86 -0.69
C VAL B 166 0.61 -22.58 -0.10
N TRP B 167 -0.21 -21.56 0.19
CA TRP B 167 0.21 -20.23 0.74
C TRP B 167 0.35 -20.30 2.26
N ASP B 168 0.01 -21.44 2.87
CA ASP B 168 0.32 -21.75 4.29
C ASP B 168 1.84 -21.56 4.50
N ASN B 169 2.65 -22.44 3.89
CA ASN B 169 4.13 -22.50 4.07
C ASN B 169 4.80 -22.40 2.70
N TRP B 170 4.51 -21.33 1.96
CA TRP B 170 5.08 -21.00 0.63
C TRP B 170 6.51 -20.50 0.81
N ARG B 171 7.43 -20.99 -0.02
CA ARG B 171 8.86 -20.55 -0.02
C ARG B 171 9.01 -19.31 -0.91
N LEU B 172 9.21 -18.16 -0.28
CA LEU B 172 9.46 -16.88 -0.98
C LEU B 172 10.69 -17.02 -1.88
N LEU B 173 10.62 -16.47 -3.09
CA LEU B 173 11.78 -16.26 -3.97
C LEU B 173 12.61 -15.09 -3.41
N THR B 174 13.93 -15.26 -3.40
CA THR B 174 14.92 -14.34 -2.78
C THR B 174 15.91 -13.94 -3.88
N MET B 175 15.69 -12.78 -4.51
CA MET B 175 16.49 -12.29 -5.66
C MET B 175 17.55 -11.31 -5.16
N ALA B 176 18.75 -11.38 -5.72
CA ALA B 176 19.87 -10.47 -5.39
C ALA B 176 19.59 -9.09 -5.99
N GLY B 177 19.62 -8.06 -5.15
CA GLY B 177 19.43 -6.67 -5.58
C GLY B 177 20.54 -5.78 -5.06
N ILE B 178 20.68 -4.61 -5.66
CA ILE B 178 21.50 -3.49 -5.13
C ILE B 178 20.54 -2.32 -4.91
N PHE B 179 20.72 -1.53 -3.84
CA PHE B 179 19.88 -0.34 -3.60
C PHE B 179 20.77 0.90 -3.52
N ASP B 180 20.16 2.08 -3.74
CA ASP B 180 20.85 3.37 -3.50
C ASP B 180 19.92 4.30 -2.75
N CYS B 181 20.51 5.36 -2.19
CA CYS B 181 19.84 6.43 -1.40
C CYS B 181 19.97 7.75 -2.15
N TRP B 182 18.82 8.36 -2.46
CA TRP B 182 18.72 9.62 -3.23
C TRP B 182 17.95 10.64 -2.38
N GLU B 183 18.54 11.79 -2.09
CA GLU B 183 17.85 12.93 -1.45
C GLU B 183 17.18 13.76 -2.54
N PRO B 184 15.83 13.89 -2.55
CA PRO B 184 15.18 14.81 -3.49
C PRO B 184 15.81 16.19 -3.36
N PRO B 185 16.36 16.77 -4.46
CA PRO B 185 17.01 18.08 -4.41
C PRO B 185 16.18 19.20 -3.78
N GLU B 186 14.85 19.14 -3.94
CA GLU B 186 13.91 20.20 -3.47
C GLU B 186 13.36 19.82 -2.09
N GLY B 187 13.90 18.76 -1.48
CA GLY B 187 13.60 18.36 -0.09
C GLY B 187 12.67 17.16 -0.05
N GLY B 188 12.72 16.40 1.04
CA GLY B 188 11.89 15.20 1.25
C GLY B 188 12.68 14.04 1.84
N ASP B 189 12.00 12.93 2.07
CA ASP B 189 12.59 11.71 2.66
C ASP B 189 13.61 11.17 1.65
N VAL B 190 14.73 10.68 2.18
CA VAL B 190 15.69 9.86 1.39
C VAL B 190 14.88 8.73 0.75
N LEU B 191 14.98 8.60 -0.56
CA LEU B 191 14.40 7.49 -1.34
C LEU B 191 15.39 6.31 -1.32
N TYR B 192 14.92 5.14 -0.90
CA TYR B 192 15.62 3.84 -1.06
C TYR B 192 14.99 3.16 -2.27
N SER B 193 15.79 2.88 -3.31
CA SER B 193 15.34 2.22 -4.55
C SER B 193 16.32 1.09 -4.89
N TYR B 194 15.83 0.09 -5.60
CA TYR B 194 16.61 -1.14 -5.87
C TYR B 194 16.55 -1.49 -7.36
N THR B 195 17.55 -2.25 -7.78
CA THR B 195 17.61 -2.98 -9.07
C THR B 195 17.74 -4.47 -8.75
N ILE B 196 17.12 -5.34 -9.55
CA ILE B 196 17.33 -6.82 -9.47
C ILE B 196 18.46 -7.21 -10.44
N ILE B 197 19.51 -7.84 -9.94
CA ILE B 197 20.65 -8.31 -10.78
C ILE B 197 20.09 -9.42 -11.69
N THR B 198 20.45 -9.40 -12.97
CA THR B 198 20.09 -10.46 -13.95
C THR B 198 21.33 -11.27 -14.37
N VAL B 199 21.09 -12.51 -14.77
CA VAL B 199 22.11 -13.48 -15.27
C VAL B 199 21.49 -14.21 -16.46
N ASP B 200 22.27 -15.05 -17.15
CA ASP B 200 21.75 -15.92 -18.23
C ASP B 200 20.65 -16.82 -17.66
N SER B 201 19.61 -17.11 -18.42
CA SER B 201 18.60 -18.12 -18.03
C SER B 201 19.29 -19.50 -17.99
N CYS B 202 18.98 -20.28 -16.96
CA CYS B 202 19.35 -21.71 -16.81
C CYS B 202 18.72 -22.52 -17.95
N LYS B 203 19.12 -23.78 -18.13
CA LYS B 203 18.61 -24.67 -19.22
C LYS B 203 17.09 -24.80 -19.04
N GLY B 204 16.63 -25.02 -17.81
CA GLY B 204 15.20 -25.16 -17.47
C GLY B 204 14.33 -24.05 -18.04
N LEU B 205 14.87 -22.83 -18.18
CA LEU B 205 14.09 -21.62 -18.56
C LEU B 205 14.50 -21.07 -19.94
N SER B 206 15.52 -21.67 -20.59
CA SER B 206 16.21 -21.08 -21.78
C SER B 206 15.25 -20.94 -22.97
N ASP B 207 14.16 -21.72 -23.00
CA ASP B 207 13.15 -21.70 -24.08
C ASP B 207 12.15 -20.57 -23.83
N ILE B 208 12.02 -20.12 -22.58
CA ILE B 208 11.07 -19.05 -22.16
C ILE B 208 11.71 -17.68 -22.43
N HIS B 209 12.98 -17.51 -22.03
CA HIS B 209 13.71 -16.21 -22.03
C HIS B 209 15.21 -16.49 -21.96
N HIS B 210 16.02 -15.50 -22.34
CA HIS B 210 17.51 -15.59 -22.38
C HIS B 210 18.11 -15.08 -21.05
N ARG B 211 17.30 -14.43 -20.21
CA ARG B 211 17.72 -13.83 -18.93
C ARG B 211 16.84 -14.40 -17.81
N MET B 212 17.38 -14.41 -16.59
CA MET B 212 16.64 -14.72 -15.34
C MET B 212 17.25 -13.87 -14.23
N PRO B 213 16.52 -13.60 -13.14
CA PRO B 213 17.11 -12.91 -11.99
C PRO B 213 18.21 -13.77 -11.33
N ALA B 214 19.16 -13.07 -10.70
CA ALA B 214 20.13 -13.63 -9.74
C ALA B 214 19.37 -14.10 -8.50
N ILE B 215 19.04 -15.39 -8.44
CA ILE B 215 18.32 -16.01 -7.30
C ILE B 215 19.33 -16.49 -6.26
N LEU B 216 19.14 -16.10 -5.00
CA LEU B 216 19.95 -16.57 -3.84
C LEU B 216 19.21 -17.76 -3.23
N ASP B 217 19.72 -18.97 -3.50
CA ASP B 217 19.05 -20.25 -3.13
C ASP B 217 19.56 -20.71 -1.76
N GLY B 218 18.85 -20.31 -0.70
CA GLY B 218 19.02 -20.86 0.65
C GLY B 218 19.52 -19.83 1.63
N GLU B 219 19.46 -20.19 2.91
CA GLU B 219 19.82 -19.33 4.07
C GLU B 219 21.24 -18.76 3.88
N GLU B 220 22.20 -19.60 3.46
CA GLU B 220 23.63 -19.19 3.43
C GLU B 220 23.83 -18.10 2.37
N ALA B 221 23.38 -18.32 1.14
CA ALA B 221 23.43 -17.35 0.02
C ALA B 221 22.73 -16.04 0.43
N VAL B 222 21.55 -16.13 1.06
CA VAL B 222 20.81 -14.92 1.50
C VAL B 222 21.66 -14.18 2.54
N SER B 223 22.15 -14.89 3.57
CA SER B 223 22.89 -14.28 4.70
C SER B 223 24.14 -13.58 4.17
N LYS B 224 24.84 -14.22 3.23
CA LYS B 224 26.14 -13.74 2.71
C LYS B 224 25.89 -12.53 1.80
N TRP B 225 24.88 -12.59 0.93
CA TRP B 225 24.50 -11.39 0.16
C TRP B 225 24.21 -10.21 1.11
N LEU B 226 23.50 -10.41 2.22
CA LEU B 226 23.06 -9.27 3.09
C LEU B 226 24.25 -8.75 3.89
N ASP B 227 25.18 -9.62 4.30
CA ASP B 227 26.13 -9.28 5.39
C ASP B 227 27.33 -8.54 4.79
N PHE B 228 27.17 -7.27 4.47
CA PHE B 228 28.24 -6.46 3.82
C PHE B 228 29.33 -6.17 4.85
N GLY B 229 29.06 -6.38 6.13
CA GLY B 229 30.09 -6.20 7.18
C GLY B 229 31.13 -7.31 7.17
N GLU B 230 30.74 -8.53 6.79
CA GLU B 230 31.59 -9.75 6.90
C GLU B 230 31.95 -10.28 5.52
N VAL B 231 31.20 -9.95 4.47
CA VAL B 231 31.33 -10.58 3.13
C VAL B 231 31.58 -9.47 2.10
N SER B 232 32.80 -9.40 1.58
CA SER B 232 33.31 -8.42 0.60
C SER B 232 32.51 -8.55 -0.71
N THR B 233 32.62 -7.53 -1.57
CA THR B 233 32.02 -7.53 -2.94
C THR B 233 32.47 -8.80 -3.70
N GLN B 234 33.78 -9.10 -3.76
CA GLN B 234 34.31 -10.24 -4.56
C GLN B 234 33.58 -11.53 -4.09
N GLU B 235 33.54 -11.77 -2.76
CA GLU B 235 32.94 -13.01 -2.19
C GLU B 235 31.43 -12.99 -2.48
N ALA B 236 30.78 -11.82 -2.39
CA ALA B 236 29.32 -11.74 -2.57
C ALA B 236 28.98 -12.06 -4.03
N LEU B 237 29.78 -11.57 -4.96
CA LEU B 237 29.53 -11.78 -6.42
C LEU B 237 29.67 -13.24 -6.83
N LYS B 238 30.33 -14.08 -6.03
CA LYS B 238 30.38 -15.56 -6.30
C LYS B 238 28.99 -16.19 -6.13
N LEU B 239 28.08 -15.54 -5.39
CA LEU B 239 26.69 -16.03 -5.13
C LEU B 239 25.77 -15.76 -6.33
N ILE B 240 26.22 -14.95 -7.29
CA ILE B 240 25.41 -14.42 -8.43
C ILE B 240 25.62 -15.33 -9.63
N HIS B 241 24.65 -16.15 -9.99
CA HIS B 241 24.79 -17.06 -11.16
C HIS B 241 23.41 -17.59 -11.52
N PRO B 242 23.23 -18.18 -12.73
CA PRO B 242 22.02 -18.94 -13.03
C PRO B 242 21.83 -20.04 -11.99
N THR B 243 20.59 -20.49 -11.77
CA THR B 243 20.29 -21.69 -10.94
C THR B 243 19.19 -22.50 -11.64
N GLU B 244 19.23 -23.82 -11.49
CA GLU B 244 18.27 -24.78 -12.07
C GLU B 244 17.16 -25.06 -11.06
N ASN B 245 17.34 -24.71 -9.78
CA ASN B 245 16.36 -25.02 -8.70
C ASN B 245 15.22 -24.01 -8.82
N ILE B 246 14.35 -24.24 -9.80
CA ILE B 246 13.22 -23.36 -10.15
C ILE B 246 12.19 -24.13 -10.96
N THR B 247 10.91 -23.79 -10.79
CA THR B 247 9.78 -24.39 -11.55
C THR B 247 8.87 -23.25 -12.00
N PHE B 248 7.85 -23.57 -12.78
CA PHE B 248 6.97 -22.56 -13.42
C PHE B 248 5.73 -23.24 -13.95
N HIS B 249 4.71 -22.44 -14.23
CA HIS B 249 3.54 -22.83 -15.04
C HIS B 249 3.11 -21.62 -15.87
N ALA B 250 2.51 -21.87 -17.03
CA ALA B 250 1.87 -20.83 -17.86
C ALA B 250 0.69 -20.25 -17.07
N VAL B 251 0.44 -18.94 -17.23
CA VAL B 251 -0.74 -18.25 -16.62
C VAL B 251 -1.49 -17.55 -17.75
N SER B 252 -2.75 -17.16 -17.46
CA SER B 252 -3.67 -16.44 -18.39
C SER B 252 -3.12 -15.04 -18.69
N SER B 253 -3.71 -14.38 -19.68
CA SER B 253 -3.33 -13.02 -20.17
C SER B 253 -3.66 -11.95 -19.11
N VAL B 254 -4.41 -12.28 -18.06
CA VAL B 254 -4.93 -11.30 -17.06
C VAL B 254 -3.75 -10.52 -16.46
N VAL B 255 -2.60 -11.14 -16.25
CA VAL B 255 -1.40 -10.49 -15.63
C VAL B 255 -0.80 -9.44 -16.59
N ASN B 256 -1.01 -9.56 -17.90
CA ASN B 256 -0.42 -8.65 -18.93
C ASN B 256 -0.73 -7.19 -18.58
N ASN B 257 -1.99 -6.88 -18.28
CA ASN B 257 -2.42 -5.53 -17.81
C ASN B 257 -1.97 -5.35 -16.35
N SER B 258 -1.06 -4.42 -16.11
CA SER B 258 -0.40 -4.18 -14.80
C SER B 258 -1.39 -3.64 -13.78
N ARG B 259 -2.61 -3.27 -14.21
CA ARG B 259 -3.65 -2.73 -13.30
C ARG B 259 -4.37 -3.89 -12.60
N ASN B 260 -4.28 -5.11 -13.14
CA ASN B 260 -4.96 -6.32 -12.60
C ASN B 260 -4.15 -6.88 -11.41
N ASN B 261 -4.76 -6.93 -10.23
CA ASN B 261 -4.20 -7.50 -8.98
C ASN B 261 -5.20 -8.53 -8.43
N THR B 262 -5.18 -9.75 -8.95
CA THR B 262 -6.11 -10.84 -8.57
C THR B 262 -5.33 -12.14 -8.40
N PRO B 263 -5.81 -13.12 -7.61
CA PRO B 263 -5.17 -14.44 -7.55
C PRO B 263 -5.05 -15.10 -8.93
N GLU B 264 -5.88 -14.67 -9.88
CA GLU B 264 -5.97 -15.18 -11.26
C GLU B 264 -4.67 -14.88 -12.04
N CYS B 265 -3.91 -13.86 -11.63
CA CYS B 265 -2.63 -13.47 -12.30
C CYS B 265 -1.61 -14.61 -12.26
N LEU B 266 -1.50 -15.35 -11.16
CA LEU B 266 -0.51 -16.45 -11.04
C LEU B 266 -1.19 -17.83 -11.03
N ALA B 267 -2.50 -17.92 -11.22
CA ALA B 267 -3.25 -19.20 -11.31
C ALA B 267 -2.81 -19.98 -12.55
N PRO B 268 -2.57 -21.30 -12.45
CA PRO B 268 -2.24 -22.12 -13.62
C PRO B 268 -3.35 -22.22 -14.68
N VAL B 269 -2.98 -22.49 -15.94
CA VAL B 269 -3.93 -22.80 -17.06
C VAL B 269 -3.49 -24.12 -17.72
UNK UNX E . -5.14 28.58 -8.70
UNK UNX F . -3.67 22.13 -9.00
UNK UNX G . -0.84 8.22 9.81
UNK UNX H . -1.01 11.41 7.02
UNK UNX I . 0.89 13.45 7.11
UNK UNX J . 3.66 22.86 -3.05
UNK UNX K . 3.26 21.33 3.79
UNK UNX L . -15.51 12.23 -7.48
UNK UNX M . -16.35 13.07 -5.26
UNK UNX N . -6.87 31.48 -2.86
UNK UNX O . -21.54 28.02 7.69
UNK UNX P . -25.95 16.84 13.89
UNK UNX Q . -20.30 22.72 18.63
UNK UNX R . -24.95 23.97 6.85
UNK UNX S . -24.22 17.07 3.37
UNK UNX T . -24.91 22.29 15.26
UNK UNX U . 5.07 8.40 1.16
UNK UNX V . 9.93 8.74 9.31
UNK UNX W . -13.05 25.08 14.46
UNK UNX X . -18.94 29.35 11.21
UNK UNX Y . -1.74 3.58 -6.62
UNK UNX Z . -33.53 -4.74 -0.63
UNK UNX AA . 0.18 14.22 -7.21
UNK UNX BA . -1.50 12.18 -8.47
UNK UNX CA . 0.36 15.93 -5.00
UNK UNX DA . -1.51 16.39 -6.61
UNK UNX EA . -1.79 23.27 -5.29
UNK UNX FA . 15.47 0.40 11.91
UNK UNX GA . 10.48 3.84 -1.01
UNK UNX HA . 12.24 4.73 0.17
UNK UNX IA . 21.74 3.31 4.48
UNK UNX JA . 21.27 8.75 3.28
UNK UNX KA . 13.88 3.18 5.55
UNK UNX LA . 8.36 -0.11 12.48
UNK UNX MA . 36.07 -6.99 -2.52
UNK UNX NA . 31.54 -4.15 1.53
UNK UNX OA . 25.60 -15.22 -15.90
UNK UNX PA . 23.85 5.08 9.59
UNK UNX QA . 9.05 -5.35 12.99
UNK UNX RA . 9.02 -7.96 12.99
UNK UNX SA . 4.90 -8.42 11.12
UNK UNX TA . 6.40 -7.04 12.68
UNK UNX UA . 1.50 -2.86 7.91
UNK UNX VA . -0.77 -6.49 4.43
UNK UNX WA . 8.69 5.95 -4.54
UNK UNX XA . 15.29 -7.13 17.19
UNK UNX YA . 18.02 -14.21 19.69
#